data_6I8M
#
_entry.id   6I8M
#
_cell.length_a   58.053
_cell.length_b   64.299
_cell.length_c   97.707
_cell.angle_alpha   90.00
_cell.angle_beta   90.00
_cell.angle_gamma   90.00
#
_symmetry.space_group_name_H-M   'P 21 21 21'
#
loop_
_entity.id
_entity.type
_entity.pdbx_description
1 polymer 'Poly [ADP-ribose] polymerase 1'
2 non-polymer (1~{S})-2-(1-cyclohexylpiperidin-4-yl)-1-methyl-3-oxidanylidene-1~{H}-isoindole-4-carboxamide
3 water water
#
_entity_poly.entity_id   1
_entity_poly.type   'polypeptide(L)'
_entity_poly.pdbx_seq_one_letter_code
;GPKLTVSAGTKSKLAKPIQDLIKMIFDVESMKKAMVEFEIDLQKMPLGKLSKRQIQSAYSILNEVQQAVSDGGSESQILD
LSNRFYTLIPHDFGMKKPPLLSNLEYIQAKVQMLDNLLDIEVAYSLLRGGNEDGDKDPIDINYEKLRTDIKVVDKDSEEA
KIIKQYVKNTHAATHNAYDLKVVEIFRIEREGESQRYKPFKQLHNRQLLWHGSRTTNFAGILSQGLRIAPPEAPVTGYMF
GKGIYFADMVSKSANYCHTSQADPIGLILLGEVALGNMYELKNASHITKLPKGKHSVKGLGKTAPDPTATTTLDGVEVPL
GNGISTGINDTCLLYNEYIVYDVAQVNLKYLLKLKFNYKTSLW
;
_entity_poly.pdbx_strand_id   A
#
# COMPACT_ATOMS: atom_id res chain seq x y z
N LYS A 11 -10.24 31.11 -6.43
CA LYS A 11 -9.36 30.36 -5.50
C LYS A 11 -10.17 29.25 -4.84
N SER A 12 -9.49 28.15 -4.47
CA SER A 12 -10.05 26.82 -4.24
C SER A 12 -11.28 26.83 -3.33
N LYS A 13 -12.28 26.05 -3.75
CA LYS A 13 -13.51 25.91 -2.98
C LYS A 13 -13.43 24.73 -1.99
N LEU A 14 -12.29 24.04 -1.89
CA LEU A 14 -12.20 22.79 -1.13
C LEU A 14 -11.88 23.14 0.32
N ALA A 15 -12.39 22.37 1.29
CA ALA A 15 -12.11 22.66 2.69
C ALA A 15 -10.61 22.56 2.99
N LYS A 16 -10.19 23.29 4.02
CA LYS A 16 -8.77 23.35 4.41
C LYS A 16 -8.12 21.96 4.44
N PRO A 17 -8.55 21.00 5.29
CA PRO A 17 -7.96 19.65 5.34
C PRO A 17 -7.78 18.90 4.02
N ILE A 18 -8.75 19.03 3.11
CA ILE A 18 -8.67 18.44 1.79
C ILE A 18 -7.56 19.12 0.96
N GLN A 19 -7.46 20.45 1.03
CA GLN A 19 -6.43 21.17 0.32
C GLN A 19 -5.05 20.70 0.77
N ASP A 20 -4.89 20.58 2.09
CA ASP A 20 -3.68 20.12 2.71
C ASP A 20 -3.37 18.69 2.26
N LEU A 21 -4.42 17.85 2.16
CA LEU A 21 -4.21 16.47 1.76
C LEU A 21 -3.63 16.46 0.34
N ILE A 22 -4.16 17.33 -0.54
CA ILE A 22 -3.78 17.34 -1.94
C ILE A 22 -2.32 17.78 -2.06
N LYS A 23 -1.96 18.77 -1.25
CA LYS A 23 -0.57 19.22 -1.22
C LYS A 23 0.38 18.11 -0.78
N MET A 24 -0.04 17.33 0.25
CA MET A 24 0.76 16.21 0.78
C MET A 24 1.00 15.15 -0.29
N ILE A 25 -0.06 14.70 -0.96
CA ILE A 25 -0.04 13.68 -2.00
C ILE A 25 0.89 14.08 -3.14
N PHE A 26 0.88 15.37 -3.51
CA PHE A 26 1.58 15.83 -4.70
C PHE A 26 2.94 16.49 -4.37
N ASP A 27 3.44 16.35 -3.14
CA ASP A 27 4.65 17.03 -2.69
C ASP A 27 5.87 16.47 -3.42
N VAL A 28 6.56 17.35 -4.16
CA VAL A 28 7.71 16.98 -4.99
C VAL A 28 8.90 16.61 -4.11
N GLU A 29 9.03 17.26 -2.96
CA GLU A 29 10.16 17.01 -2.08
C GLU A 29 10.10 15.57 -1.53
N SER A 30 8.88 15.09 -1.26
CA SER A 30 8.60 13.76 -0.72
C SER A 30 8.99 12.71 -1.75
N MET A 31 8.71 13.03 -3.02
CA MET A 31 9.05 12.07 -4.06
C MET A 31 10.57 11.88 -4.14
N LYS A 32 11.34 12.98 -4.08
CA LYS A 32 12.80 12.90 -4.16
C LYS A 32 13.36 12.18 -2.93
N LYS A 33 12.85 12.50 -1.75
CA LYS A 33 13.26 11.81 -0.54
C LYS A 33 13.08 10.30 -0.68
N ALA A 34 11.93 9.86 -1.24
CA ALA A 34 11.72 8.43 -1.48
C ALA A 34 12.86 7.87 -2.35
N MET A 35 13.12 8.55 -3.46
CA MET A 35 14.13 8.08 -4.39
C MET A 35 15.50 8.02 -3.73
N VAL A 36 15.81 9.02 -2.89
CA VAL A 36 17.09 9.04 -2.20
C VAL A 36 17.16 7.86 -1.24
N GLU A 37 16.09 7.61 -0.47
CA GLU A 37 16.16 6.49 0.47
C GLU A 37 16.34 5.19 -0.27
N PHE A 38 15.89 5.12 -1.53
CA PHE A 38 16.10 3.89 -2.28
C PHE A 38 17.50 3.82 -2.89
N GLU A 39 18.33 4.84 -2.62
CA GLU A 39 19.75 4.86 -3.00
C GLU A 39 19.93 5.17 -4.49
N ILE A 40 18.93 5.82 -5.08
CA ILE A 40 19.04 6.17 -6.49
C ILE A 40 19.92 7.40 -6.61
N ASP A 41 20.69 7.50 -7.70
CA ASP A 41 21.48 8.69 -7.91
C ASP A 41 20.65 9.74 -8.63
N LEU A 42 20.20 10.76 -7.89
CA LEU A 42 19.33 11.80 -8.38
C LEU A 42 20.09 12.78 -9.26
N GLN A 43 21.43 12.70 -9.27
CA GLN A 43 22.18 13.52 -10.20
C GLN A 43 22.16 12.95 -11.62
N LYS A 44 22.00 11.63 -11.77
CA LYS A 44 22.03 10.95 -13.07
C LYS A 44 20.63 10.44 -13.47
N MET A 45 19.73 10.38 -12.48
CA MET A 45 18.37 9.93 -12.70
C MET A 45 17.43 10.88 -11.93
N PRO A 46 17.22 12.13 -12.38
CA PRO A 46 16.33 13.05 -11.68
C PRO A 46 14.87 12.60 -11.84
N LEU A 47 14.02 13.10 -10.93
CA LEU A 47 12.58 12.88 -10.92
C LEU A 47 12.03 13.06 -12.32
N GLY A 48 12.45 14.14 -13.00
CA GLY A 48 12.05 14.40 -14.38
C GLY A 48 12.25 13.25 -15.39
N LYS A 49 13.18 12.33 -15.15
CA LYS A 49 13.65 11.44 -16.20
C LYS A 49 13.05 10.04 -16.05
N LEU A 50 12.35 9.82 -14.94
CA LEU A 50 11.72 8.54 -14.66
C LEU A 50 10.80 8.22 -15.82
N SER A 51 10.92 7.04 -16.46
CA SER A 51 9.92 6.65 -17.45
C SER A 51 9.25 5.33 -17.11
N LYS A 52 7.97 5.17 -17.51
CA LYS A 52 7.22 3.91 -17.40
C LYS A 52 7.91 2.76 -18.14
N ARG A 53 8.39 3.02 -19.35
CA ARG A 53 9.05 1.99 -20.15
C ARG A 53 10.30 1.48 -19.41
N GLN A 54 11.18 2.39 -18.94
CA GLN A 54 12.41 1.99 -18.26
C GLN A 54 12.10 1.17 -17.00
N ILE A 55 11.10 1.62 -16.22
CA ILE A 55 10.75 0.94 -14.98
C ILE A 55 10.37 -0.50 -15.27
N GLN A 56 9.60 -0.71 -16.34
CA GLN A 56 9.07 -2.02 -16.70
C GLN A 56 10.23 -2.96 -17.05
N SER A 57 11.22 -2.44 -17.78
CA SER A 57 12.42 -3.19 -18.16
C SER A 57 13.19 -3.63 -16.92
N ALA A 58 13.27 -2.73 -15.93
CA ALA A 58 13.95 -3.06 -14.70
C ALA A 58 13.31 -4.32 -14.10
N TYR A 59 11.96 -4.39 -14.17
CA TYR A 59 11.22 -5.47 -13.55
C TYR A 59 11.65 -6.81 -14.15
N SER A 60 11.86 -6.84 -15.47
CA SER A 60 12.28 -8.06 -16.12
C SER A 60 13.68 -8.47 -15.69
N ILE A 61 14.58 -7.49 -15.50
CA ILE A 61 15.93 -7.88 -15.14
C ILE A 61 15.86 -8.52 -13.75
N LEU A 62 15.02 -7.97 -12.85
CA LEU A 62 14.92 -8.48 -11.49
C LEU A 62 14.31 -9.89 -11.49
N ASN A 63 13.43 -10.12 -12.47
CA ASN A 63 12.71 -11.38 -12.58
C ASN A 63 13.75 -12.45 -12.87
N GLU A 64 14.57 -12.10 -13.87
CA GLU A 64 15.55 -12.98 -14.44
C GLU A 64 16.64 -13.30 -13.41
N VAL A 65 17.07 -12.29 -12.64
CA VAL A 65 18.15 -12.50 -11.69
C VAL A 65 17.63 -13.28 -10.47
N GLN A 66 16.37 -13.04 -10.04
CA GLN A 66 15.76 -13.86 -9.00
C GLN A 66 15.75 -15.33 -9.45
N GLN A 67 15.40 -15.58 -10.72
CA GLN A 67 15.35 -16.93 -11.26
C GLN A 67 16.72 -17.60 -11.20
N ALA A 68 17.75 -16.87 -11.67
CA ALA A 68 19.11 -17.37 -11.67
C ALA A 68 19.57 -17.69 -10.25
N VAL A 69 19.23 -16.85 -9.26
CA VAL A 69 19.65 -17.09 -7.88
C VAL A 69 18.93 -18.34 -7.35
N SER A 70 17.64 -18.46 -7.68
CA SER A 70 16.86 -19.57 -7.16
C SER A 70 17.33 -20.89 -7.77
N ASP A 71 17.69 -20.86 -9.06
CA ASP A 71 17.98 -22.05 -9.85
C ASP A 71 19.47 -22.39 -9.88
N GLY A 72 20.33 -21.58 -9.26
CA GLY A 72 21.77 -21.82 -9.28
C GLY A 72 22.41 -21.54 -10.64
N GLY A 73 21.97 -20.47 -11.31
CA GLY A 73 22.75 -19.92 -12.42
C GLY A 73 24.17 -19.55 -11.95
N SER A 74 25.06 -19.27 -12.92
CA SER A 74 26.46 -18.91 -12.67
C SER A 74 26.57 -17.52 -12.08
N GLU A 75 27.66 -17.34 -11.34
CA GLU A 75 28.00 -16.04 -10.77
C GLU A 75 28.09 -15.00 -11.89
N SER A 76 28.52 -15.37 -13.10
CA SER A 76 28.69 -14.34 -14.13
C SER A 76 27.34 -13.93 -14.70
N GLN A 77 26.37 -14.86 -14.71
CA GLN A 77 25.04 -14.43 -15.13
C GLN A 77 24.47 -13.43 -14.11
N ILE A 78 24.55 -13.78 -12.84
CA ILE A 78 24.15 -12.85 -11.79
C ILE A 78 24.86 -11.51 -11.89
N LEU A 79 26.19 -11.48 -12.18
CA LEU A 79 26.92 -10.23 -12.24
C LEU A 79 26.41 -9.39 -13.42
N ASP A 80 26.34 -10.06 -14.59
CA ASP A 80 25.87 -9.40 -15.81
C ASP A 80 24.49 -8.75 -15.56
N LEU A 81 23.59 -9.47 -14.89
CA LEU A 81 22.29 -8.88 -14.65
C LEU A 81 22.37 -7.73 -13.64
N SER A 82 23.25 -7.88 -12.63
CA SER A 82 23.41 -6.79 -11.67
C SER A 82 23.82 -5.52 -12.40
N ASN A 83 24.80 -5.69 -13.29
CA ASN A 83 25.36 -4.56 -14.00
C ASN A 83 24.29 -3.86 -14.82
N ARG A 84 23.48 -4.66 -15.52
CA ARG A 84 22.41 -4.12 -16.36
C ARG A 84 21.35 -3.37 -15.54
N PHE A 85 21.04 -3.88 -14.34
CA PHE A 85 20.07 -3.24 -13.48
C PHE A 85 20.60 -1.86 -13.11
N TYR A 86 21.87 -1.78 -12.73
CA TYR A 86 22.45 -0.54 -12.23
C TYR A 86 22.80 0.45 -13.34
N THR A 87 22.95 0.00 -14.59
CA THR A 87 23.12 0.90 -15.72
C THR A 87 21.78 1.53 -16.13
N LEU A 88 20.68 0.79 -15.97
CA LEU A 88 19.35 1.30 -16.28
C LEU A 88 18.82 2.22 -15.18
N ILE A 89 19.11 1.85 -13.93
CA ILE A 89 18.69 2.66 -12.80
C ILE A 89 19.90 3.04 -11.97
N PRO A 90 20.57 4.18 -12.28
CA PRO A 90 21.81 4.57 -11.57
C PRO A 90 21.56 4.71 -10.07
N HIS A 91 22.37 4.00 -9.27
CA HIS A 91 22.37 4.14 -7.82
C HIS A 91 23.60 4.89 -7.35
N ASP A 92 23.48 5.47 -6.14
CA ASP A 92 24.62 6.08 -5.48
C ASP A 92 24.79 5.36 -4.16
N PHE A 93 25.84 4.54 -4.04
CA PHE A 93 26.15 3.81 -2.82
C PHE A 93 27.15 4.57 -1.95
N GLY A 94 27.45 5.80 -2.36
CA GLY A 94 28.42 6.64 -1.66
C GLY A 94 29.74 5.93 -1.42
N MET A 95 30.05 5.75 -0.13
CA MET A 95 31.29 5.13 0.27
C MET A 95 31.32 3.71 -0.32
N LYS A 96 30.37 2.86 0.15
CA LYS A 96 30.29 1.42 -0.05
C LYS A 96 30.45 1.01 -1.52
N LYS A 97 30.86 -0.25 -1.71
CA LYS A 97 30.77 -0.95 -2.99
C LYS A 97 29.29 -1.20 -3.30
N PRO A 98 28.90 -1.19 -4.60
CA PRO A 98 27.54 -1.57 -5.01
C PRO A 98 27.24 -2.99 -4.58
N PRO A 99 26.22 -3.19 -3.72
CA PRO A 99 25.72 -4.53 -3.41
C PRO A 99 25.32 -5.21 -4.72
N LEU A 100 25.75 -6.45 -4.93
CA LEU A 100 25.32 -7.22 -6.09
C LEU A 100 23.91 -7.78 -5.85
N LEU A 101 23.18 -8.10 -6.94
CA LEU A 101 21.84 -8.65 -6.87
C LEU A 101 21.92 -10.17 -6.71
N SER A 102 22.46 -10.65 -5.59
CA SER A 102 22.81 -12.06 -5.50
C SER A 102 22.06 -12.74 -4.37
N ASN A 103 21.21 -12.01 -3.66
CA ASN A 103 20.39 -12.67 -2.65
C ASN A 103 18.95 -12.17 -2.75
N LEU A 104 18.02 -13.05 -2.37
CA LEU A 104 16.61 -12.86 -2.62
C LEU A 104 16.09 -11.70 -1.77
N GLU A 105 16.64 -11.56 -0.55
CA GLU A 105 16.23 -10.51 0.36
C GLU A 105 16.43 -9.18 -0.32
N TYR A 106 17.63 -8.97 -0.89
CA TYR A 106 17.97 -7.71 -1.53
C TYR A 106 17.26 -7.53 -2.87
N ILE A 107 17.06 -8.61 -3.64
CA ILE A 107 16.28 -8.49 -4.88
C ILE A 107 14.83 -8.06 -4.59
N GLN A 108 14.24 -8.57 -3.50
CA GLN A 108 12.89 -8.17 -3.16
C GLN A 108 12.84 -6.70 -2.77
N ALA A 109 13.85 -6.20 -2.05
CA ALA A 109 13.90 -4.78 -1.72
C ALA A 109 13.90 -3.95 -3.01
N LYS A 110 14.57 -4.45 -4.05
CA LYS A 110 14.59 -3.75 -5.33
C LYS A 110 13.25 -3.80 -6.02
N VAL A 111 12.52 -4.92 -5.85
CA VAL A 111 11.19 -5.02 -6.42
C VAL A 111 10.29 -3.95 -5.81
N GLN A 112 10.25 -3.91 -4.48
CA GLN A 112 9.57 -2.88 -3.72
C GLN A 112 9.88 -1.49 -4.28
N MET A 113 11.17 -1.17 -4.49
CA MET A 113 11.62 0.10 -5.01
C MET A 113 10.95 0.41 -6.34
N LEU A 114 10.96 -0.54 -7.26
CA LEU A 114 10.31 -0.33 -8.54
C LEU A 114 8.78 -0.07 -8.43
N ASP A 115 8.10 -0.75 -7.49
CA ASP A 115 6.67 -0.51 -7.31
C ASP A 115 6.51 0.93 -6.87
N ASN A 116 7.37 1.42 -5.96
CA ASN A 116 7.30 2.79 -5.50
C ASN A 116 7.63 3.78 -6.63
N LEU A 117 8.62 3.48 -7.47
CA LEU A 117 8.95 4.39 -8.57
C LEU A 117 7.79 4.52 -9.56
N LEU A 118 7.11 3.43 -9.85
CA LEU A 118 5.98 3.51 -10.75
C LEU A 118 4.91 4.46 -10.22
N ASP A 119 4.59 4.35 -8.92
CA ASP A 119 3.63 5.24 -8.30
C ASP A 119 4.15 6.68 -8.31
N ILE A 120 5.44 6.89 -8.00
CA ILE A 120 6.03 8.23 -8.10
C ILE A 120 5.95 8.79 -9.53
N GLU A 121 6.32 7.97 -10.52
CA GLU A 121 6.19 8.37 -11.90
C GLU A 121 4.75 8.82 -12.19
N VAL A 122 3.76 8.07 -11.66
CA VAL A 122 2.36 8.37 -11.90
C VAL A 122 2.04 9.75 -11.32
N ALA A 123 2.47 10.00 -10.09
CA ALA A 123 2.17 11.25 -9.41
C ALA A 123 2.83 12.40 -10.16
N TYR A 124 4.12 12.26 -10.42
CA TYR A 124 4.85 13.35 -11.06
C TYR A 124 4.23 13.74 -12.40
N SER A 125 3.94 12.77 -13.28
CA SER A 125 3.30 12.97 -14.58
C SER A 125 1.93 13.63 -14.43
N LEU A 126 1.15 13.23 -13.41
CA LEU A 126 -0.13 13.91 -13.26
C LEU A 126 0.11 15.36 -12.88
N LEU A 127 0.91 15.58 -11.84
CA LEU A 127 1.24 16.94 -11.43
C LEU A 127 1.62 17.80 -12.63
N ARG A 128 2.51 17.31 -13.49
CA ARG A 128 3.03 18.13 -14.57
C ARG A 128 2.07 18.28 -15.76
N GLY A 129 1.13 17.36 -15.94
CA GLY A 129 0.22 17.40 -17.10
C GLY A 129 -1.07 18.19 -16.80
N GLY A 130 -1.72 18.67 -17.87
CA GLY A 130 -3.09 19.18 -17.87
C GLY A 130 -3.35 20.34 -16.91
N ASN A 131 -2.48 21.34 -16.90
CA ASN A 131 -2.72 22.50 -16.03
C ASN A 131 -3.22 23.71 -16.84
N GLU A 132 -3.76 23.46 -18.06
CA GLU A 132 -4.20 24.46 -19.02
C GLU A 132 -5.04 25.57 -18.39
N ASP A 133 -5.94 25.19 -17.47
CA ASP A 133 -7.02 26.06 -17.06
C ASP A 133 -6.54 27.07 -16.02
N GLY A 134 -6.31 28.30 -16.49
CA GLY A 134 -5.88 29.42 -15.64
C GLY A 134 -7.00 29.92 -14.71
N ASP A 135 -8.26 29.64 -15.10
CA ASP A 135 -9.45 29.99 -14.33
C ASP A 135 -9.43 29.31 -12.96
N LYS A 136 -9.26 27.98 -12.96
CA LYS A 136 -9.36 27.17 -11.74
C LYS A 136 -8.06 27.24 -10.97
N ASP A 137 -8.19 27.23 -9.64
CA ASP A 137 -7.07 27.13 -8.73
C ASP A 137 -6.34 25.82 -9.00
N PRO A 138 -4.98 25.80 -8.97
CA PRO A 138 -4.22 24.60 -9.30
C PRO A 138 -4.42 23.44 -8.30
N ILE A 139 -4.68 23.76 -7.01
CA ILE A 139 -5.15 22.81 -6.02
C ILE A 139 -6.37 22.03 -6.51
N ASP A 140 -7.31 22.75 -7.14
CA ASP A 140 -8.55 22.14 -7.57
C ASP A 140 -8.29 21.34 -8.84
N ILE A 141 -7.39 21.86 -9.69
CA ILE A 141 -6.97 21.14 -10.89
C ILE A 141 -6.38 19.78 -10.49
N ASN A 142 -5.52 19.80 -9.46
CA ASN A 142 -4.82 18.60 -9.01
C ASN A 142 -5.79 17.65 -8.27
N TYR A 143 -6.63 18.21 -7.39
CA TYR A 143 -7.72 17.45 -6.78
C TYR A 143 -8.42 16.61 -7.83
N GLU A 144 -8.85 17.28 -8.90
CA GLU A 144 -9.64 16.66 -9.95
C GLU A 144 -8.90 15.54 -10.66
N LYS A 145 -7.57 15.64 -10.72
CA LYS A 145 -6.83 14.56 -11.39
C LYS A 145 -6.86 13.25 -10.59
N LEU A 146 -7.16 13.28 -9.28
CA LEU A 146 -7.25 12.04 -8.51
C LEU A 146 -8.54 11.27 -8.79
N ARG A 147 -9.47 11.88 -9.54
CA ARG A 147 -10.78 11.34 -9.88
C ARG A 147 -11.38 10.62 -8.68
N THR A 148 -11.46 11.32 -7.55
CA THR A 148 -11.94 10.75 -6.31
C THR A 148 -12.70 11.83 -5.53
N ASP A 149 -13.97 11.55 -5.19
CA ASP A 149 -14.68 12.48 -4.34
C ASP A 149 -14.16 12.30 -2.91
N ILE A 150 -13.76 13.41 -2.27
CA ILE A 150 -13.23 13.35 -0.92
C ILE A 150 -14.04 14.32 -0.05
N LYS A 151 -14.36 13.91 1.19
CA LYS A 151 -15.09 14.73 2.15
C LYS A 151 -14.45 14.54 3.52
N VAL A 152 -14.46 15.59 4.34
CA VAL A 152 -13.93 15.49 5.68
C VAL A 152 -15.00 14.87 6.53
N VAL A 153 -14.65 13.85 7.32
CA VAL A 153 -15.64 13.23 8.17
C VAL A 153 -15.66 14.02 9.47
N ASP A 154 -16.83 14.55 9.83
CA ASP A 154 -16.95 15.33 11.05
C ASP A 154 -16.51 14.50 12.25
N LYS A 155 -15.64 15.09 13.10
CA LYS A 155 -14.88 14.36 14.10
C LYS A 155 -15.72 13.86 15.28
N ASP A 156 -16.95 14.37 15.43
CA ASP A 156 -17.74 14.09 16.63
C ASP A 156 -18.89 13.19 16.24
N SER A 157 -18.99 12.88 14.95
CA SER A 157 -20.01 11.99 14.44
C SER A 157 -19.70 10.55 14.84
N GLU A 158 -20.75 9.73 14.97
CA GLU A 158 -20.62 8.36 15.45
C GLU A 158 -19.74 7.59 14.48
N GLU A 159 -19.77 8.00 13.21
CA GLU A 159 -18.91 7.41 12.20
C GLU A 159 -17.44 7.58 12.57
N ALA A 160 -17.03 8.82 12.88
CA ALA A 160 -15.65 9.08 13.29
C ALA A 160 -15.31 8.33 14.57
N LYS A 161 -16.32 8.12 15.45
CA LYS A 161 -16.06 7.59 16.77
C LYS A 161 -15.70 6.11 16.63
N ILE A 162 -16.34 5.46 15.65
CA ILE A 162 -16.10 4.04 15.44
C ILE A 162 -14.70 3.84 14.87
N ILE A 163 -14.30 4.72 13.95
CA ILE A 163 -13.00 4.62 13.32
C ILE A 163 -11.89 4.83 14.36
N LYS A 164 -12.07 5.83 15.24
CA LYS A 164 -11.08 6.16 16.26
C LYS A 164 -10.81 5.02 17.22
N GLN A 165 -11.85 4.27 17.56
CA GLN A 165 -11.78 3.11 18.45
C GLN A 165 -11.03 1.95 17.78
N TYR A 166 -11.25 1.77 16.47
CA TYR A 166 -10.58 0.74 15.69
C TYR A 166 -9.09 1.03 15.75
N VAL A 167 -8.70 2.31 15.61
CA VAL A 167 -7.30 2.68 15.76
C VAL A 167 -6.83 2.46 17.20
N LYS A 168 -7.59 2.91 18.22
CA LYS A 168 -7.14 2.81 19.60
C LYS A 168 -6.98 1.34 20.01
N ASN A 169 -8.02 0.51 19.81
CA ASN A 169 -8.04 -0.84 20.35
C ASN A 169 -7.13 -1.84 19.64
N THR A 170 -6.74 -1.60 18.37
CA THR A 170 -6.18 -2.70 17.57
C THR A 170 -4.71 -2.44 17.26
N HIS A 171 -4.09 -1.58 18.08
CA HIS A 171 -2.65 -1.37 18.03
C HIS A 171 -1.97 -2.60 18.63
N ALA A 172 -1.01 -3.18 17.93
CA ALA A 172 -0.39 -4.42 18.37
C ALA A 172 0.68 -4.19 19.46
N ALA A 173 0.90 -5.25 20.25
CA ALA A 173 1.84 -5.29 21.36
C ALA A 173 3.26 -5.07 20.86
N THR A 174 3.65 -5.89 19.87
CA THR A 174 4.99 -5.85 19.29
C THR A 174 5.24 -4.57 18.48
N HIS A 175 4.23 -3.70 18.33
CA HIS A 175 4.42 -2.52 17.49
C HIS A 175 4.48 -1.28 18.36
N ASN A 176 5.41 -1.32 19.32
CA ASN A 176 5.37 -0.42 20.47
C ASN A 176 6.32 0.77 20.29
N ALA A 177 7.12 0.80 19.21
CA ALA A 177 7.93 1.97 18.85
C ALA A 177 7.14 3.29 18.91
N TYR A 178 5.82 3.24 18.69
CA TYR A 178 5.02 4.46 18.61
C TYR A 178 3.59 4.15 19.00
N ASP A 179 2.84 5.19 19.38
CA ASP A 179 1.40 5.08 19.34
C ASP A 179 0.92 6.04 18.26
N LEU A 180 -0.39 6.01 18.00
CA LEU A 180 -0.99 6.60 16.81
C LEU A 180 -2.08 7.59 17.22
N LYS A 181 -2.20 8.71 16.49
CA LYS A 181 -3.28 9.64 16.69
C LYS A 181 -3.97 9.93 15.35
N VAL A 182 -5.30 9.91 15.32
CA VAL A 182 -5.99 10.30 14.11
C VAL A 182 -6.01 11.83 14.02
N VAL A 183 -5.43 12.39 12.96
CA VAL A 183 -5.47 13.82 12.76
C VAL A 183 -6.77 14.18 12.03
N GLU A 184 -7.06 13.46 10.93
CA GLU A 184 -8.20 13.71 10.08
C GLU A 184 -8.67 12.41 9.44
N ILE A 185 -9.97 12.32 9.13
CA ILE A 185 -10.60 11.19 8.48
C ILE A 185 -11.29 11.73 7.25
N PHE A 186 -10.99 11.17 6.07
CA PHE A 186 -11.71 11.58 4.89
C PHE A 186 -12.52 10.40 4.38
N ARG A 187 -13.69 10.72 3.83
CA ARG A 187 -14.54 9.76 3.17
C ARG A 187 -14.21 9.87 1.70
N ILE A 188 -13.92 8.73 1.04
CA ILE A 188 -13.43 8.81 -0.31
C ILE A 188 -14.25 7.90 -1.23
N GLU A 189 -14.48 8.35 -2.45
CA GLU A 189 -15.12 7.49 -3.42
C GLU A 189 -14.46 7.70 -4.76
N ARG A 190 -13.76 6.66 -5.22
CA ARG A 190 -13.00 6.66 -6.45
C ARG A 190 -13.99 6.47 -7.61
N GLU A 191 -13.85 7.30 -8.65
CA GLU A 191 -14.80 7.31 -9.74
C GLU A 191 -14.88 5.92 -10.35
N GLY A 192 -16.10 5.41 -10.48
CA GLY A 192 -16.29 4.11 -11.11
C GLY A 192 -16.10 2.94 -10.13
N GLU A 193 -15.61 3.20 -8.92
CA GLU A 193 -15.35 2.08 -8.03
C GLU A 193 -16.64 1.45 -7.47
N SER A 194 -17.61 2.25 -7.04
CA SER A 194 -18.90 1.73 -6.58
C SER A 194 -19.48 0.76 -7.61
N GLN A 195 -19.64 1.27 -8.82
CA GLN A 195 -20.03 0.51 -10.01
C GLN A 195 -19.23 -0.78 -10.12
N ARG A 196 -17.89 -0.72 -10.01
CA ARG A 196 -17.10 -1.94 -10.21
C ARG A 196 -17.24 -2.94 -9.06
N TYR A 197 -17.57 -2.47 -7.85
CA TYR A 197 -17.58 -3.35 -6.70
C TYR A 197 -18.95 -4.04 -6.60
N LYS A 198 -19.94 -3.40 -7.22
CA LYS A 198 -21.35 -3.69 -7.02
C LYS A 198 -21.71 -5.17 -7.01
N PRO A 199 -21.22 -6.02 -7.94
CA PRO A 199 -21.56 -7.46 -7.89
C PRO A 199 -21.21 -8.14 -6.58
N PHE A 200 -20.10 -7.67 -5.96
CA PHE A 200 -19.54 -8.32 -4.77
C PHE A 200 -20.35 -7.97 -3.52
N LYS A 201 -21.32 -7.05 -3.65
CA LYS A 201 -22.27 -6.81 -2.58
C LYS A 201 -23.04 -8.10 -2.30
N GLN A 202 -23.14 -9.01 -3.31
CA GLN A 202 -23.85 -10.27 -3.14
C GLN A 202 -23.03 -11.23 -2.27
N LEU A 203 -21.78 -10.93 -1.96
CA LEU A 203 -21.08 -11.89 -1.11
C LEU A 203 -21.35 -11.61 0.35
N HIS A 204 -21.17 -12.65 1.18
CA HIS A 204 -21.16 -12.47 2.61
C HIS A 204 -19.76 -12.09 3.09
N ASN A 205 -19.66 -11.86 4.41
CA ASN A 205 -18.37 -11.63 5.05
C ASN A 205 -17.62 -10.47 4.37
N ARG A 206 -18.27 -9.32 4.21
CA ARG A 206 -17.66 -8.09 3.76
C ARG A 206 -17.12 -7.34 4.99
N GLN A 207 -15.80 -7.07 5.05
CA GLN A 207 -15.14 -6.52 6.24
C GLN A 207 -14.41 -5.22 5.88
N LEU A 208 -14.27 -4.33 6.91
CA LEU A 208 -13.60 -3.05 6.79
C LEU A 208 -12.18 -3.21 7.36
N LEU A 209 -11.18 -3.17 6.48
CA LEU A 209 -9.84 -3.56 6.84
C LEU A 209 -8.85 -2.48 6.44
N TRP A 210 -7.62 -2.59 7.01
CA TRP A 210 -6.61 -1.56 6.91
C TRP A 210 -5.69 -1.87 5.73
N HIS A 211 -5.23 -0.82 5.04
CA HIS A 211 -4.11 -0.91 4.13
C HIS A 211 -3.23 0.34 4.25
N GLY A 212 -1.96 0.11 4.60
CA GLY A 212 -1.03 1.21 4.72
C GLY A 212 -0.12 1.22 3.51
N SER A 213 0.31 2.42 3.12
CA SER A 213 1.30 2.60 2.06
C SER A 213 1.96 3.97 2.26
N ARG A 214 3.09 4.24 1.58
CA ARG A 214 3.79 5.51 1.73
C ARG A 214 2.95 6.61 1.12
N THR A 215 3.09 7.85 1.61
CA THR A 215 2.30 8.97 1.10
C THR A 215 2.51 9.12 -0.40
N THR A 216 3.73 8.82 -0.90
CA THR A 216 4.10 9.05 -2.29
C THR A 216 3.41 8.06 -3.23
N ASN A 217 2.67 7.09 -2.68
CA ASN A 217 1.90 6.16 -3.50
C ASN A 217 0.44 6.62 -3.72
N PHE A 218 -0.03 7.62 -2.96
CA PHE A 218 -1.46 7.93 -2.84
C PHE A 218 -2.09 8.53 -4.09
N ALA A 219 -1.32 9.27 -4.89
CA ALA A 219 -1.85 9.72 -6.16
C ALA A 219 -2.18 8.55 -7.08
N GLY A 220 -1.28 7.56 -7.13
CA GLY A 220 -1.56 6.38 -7.93
C GLY A 220 -2.69 5.53 -7.33
N ILE A 221 -2.73 5.41 -5.99
CA ILE A 221 -3.81 4.63 -5.37
C ILE A 221 -5.18 5.27 -5.60
N LEU A 222 -5.31 6.59 -5.38
CA LEU A 222 -6.60 7.19 -5.54
C LEU A 222 -6.98 7.15 -7.02
N SER A 223 -6.01 7.42 -7.90
CA SER A 223 -6.38 7.54 -9.29
C SER A 223 -6.59 6.16 -9.91
N GLN A 224 -5.89 5.15 -9.40
CA GLN A 224 -5.94 3.89 -10.09
C GLN A 224 -6.49 2.77 -9.22
N GLY A 225 -6.76 3.03 -7.94
CA GLY A 225 -7.22 1.99 -7.03
C GLY A 225 -6.04 1.13 -6.58
N LEU A 226 -6.28 0.29 -5.57
CA LEU A 226 -5.27 -0.66 -5.18
C LEU A 226 -5.08 -1.69 -6.29
N ARG A 227 -3.84 -2.10 -6.56
CA ARG A 227 -3.55 -2.90 -7.75
C ARG A 227 -2.84 -4.20 -7.36
N ILE A 228 -2.87 -5.18 -8.27
CA ILE A 228 -2.13 -6.41 -8.01
C ILE A 228 -0.91 -6.45 -8.91
N ALA A 229 0.23 -6.84 -8.32
CA ALA A 229 1.54 -6.97 -8.98
C ALA A 229 1.43 -7.62 -10.36
N PRO A 230 2.17 -7.12 -11.38
CA PRO A 230 2.04 -7.67 -12.74
C PRO A 230 2.58 -9.10 -12.80
N PRO A 231 2.10 -9.97 -13.72
CA PRO A 231 2.83 -11.23 -13.99
C PRO A 231 4.36 -11.16 -14.16
N GLU A 232 4.96 -9.96 -14.18
CA GLU A 232 6.34 -9.76 -14.63
C GLU A 232 7.31 -9.57 -13.46
N ALA A 233 6.80 -9.18 -12.29
CA ALA A 233 7.66 -9.08 -11.11
C ALA A 233 7.95 -10.49 -10.58
N PRO A 234 9.13 -10.72 -9.93
CA PRO A 234 9.45 -12.01 -9.34
C PRO A 234 8.34 -12.40 -8.37
N VAL A 235 7.97 -13.69 -8.37
CA VAL A 235 6.85 -14.10 -7.53
C VAL A 235 7.38 -14.45 -6.14
N THR A 236 8.58 -13.93 -5.80
CA THR A 236 9.41 -14.55 -4.78
C THR A 236 8.99 -14.22 -3.34
N GLY A 237 8.81 -12.94 -2.99
CA GLY A 237 8.66 -12.73 -1.56
C GLY A 237 7.21 -12.56 -1.07
N TYR A 238 6.21 -13.00 -1.86
CA TYR A 238 4.79 -12.79 -1.51
C TYR A 238 4.25 -13.95 -0.67
N MET A 239 4.23 -13.79 0.67
CA MET A 239 3.91 -14.89 1.56
C MET A 239 2.66 -15.65 1.11
N PHE A 240 1.71 -14.98 0.39
CA PHE A 240 0.49 -15.61 -0.07
C PHE A 240 0.16 -15.24 -1.49
N GLY A 241 1.20 -15.11 -2.32
CA GLY A 241 0.94 -14.87 -3.74
C GLY A 241 0.66 -13.39 -3.97
N LYS A 242 0.42 -13.03 -5.22
CA LYS A 242 0.23 -11.65 -5.60
C LYS A 242 -1.23 -11.27 -5.49
N GLY A 243 -1.58 -10.50 -4.47
CA GLY A 243 -2.91 -9.89 -4.46
C GLY A 243 -2.86 -8.61 -3.64
N ILE A 244 -4.03 -8.16 -3.17
CA ILE A 244 -4.08 -6.99 -2.30
C ILE A 244 -4.20 -7.48 -0.86
N TYR A 245 -3.25 -7.03 -0.04
CA TYR A 245 -3.10 -7.45 1.34
C TYR A 245 -3.72 -6.43 2.29
N PHE A 246 -4.46 -6.91 3.31
CA PHE A 246 -5.08 -6.05 4.32
C PHE A 246 -4.82 -6.57 5.75
N ALA A 247 -5.06 -5.74 6.76
CA ALA A 247 -4.88 -6.14 8.16
C ALA A 247 -6.13 -5.80 8.99
N ASP A 248 -6.39 -6.58 10.05
CA ASP A 248 -7.37 -6.18 11.05
C ASP A 248 -6.71 -5.49 12.25
N MET A 249 -5.37 -5.43 12.29
CA MET A 249 -4.69 -4.71 13.37
C MET A 249 -4.05 -3.42 12.80
N VAL A 250 -4.50 -2.23 13.23
CA VAL A 250 -4.11 -0.96 12.63
C VAL A 250 -2.60 -0.83 12.44
N SER A 251 -1.81 -1.28 13.42
CA SER A 251 -0.38 -1.01 13.42
C SER A 251 0.37 -1.91 12.44
N LYS A 252 -0.16 -3.10 12.18
CA LYS A 252 0.53 -3.94 11.21
C LYS A 252 0.48 -3.26 9.83
N SER A 253 -0.64 -2.60 9.51
CA SER A 253 -0.72 -1.81 8.28
C SER A 253 0.09 -0.52 8.39
N ALA A 254 -0.03 0.16 9.56
CA ALA A 254 0.62 1.46 9.83
C ALA A 254 2.12 1.38 9.64
N ASN A 255 2.73 0.21 9.93
CA ASN A 255 4.13 -0.07 9.65
C ASN A 255 4.51 0.16 8.19
N TYR A 256 3.59 -0.10 7.26
CA TYR A 256 3.91 0.06 5.85
C TYR A 256 3.75 1.51 5.40
N CYS A 257 3.48 2.44 6.33
CA CYS A 257 3.48 3.85 5.91
C CYS A 257 4.92 4.40 5.80
N HIS A 258 5.93 3.70 6.37
CA HIS A 258 7.31 4.18 6.32
C HIS A 258 7.44 5.61 6.84
N THR A 259 6.92 5.85 8.04
CA THR A 259 7.15 7.09 8.76
C THR A 259 8.41 6.95 9.64
N SER A 260 8.79 8.06 10.27
CA SER A 260 9.92 8.15 11.19
C SER A 260 9.66 9.30 12.18
N GLN A 261 10.49 9.38 13.23
CA GLN A 261 10.58 10.56 14.07
C GLN A 261 10.75 11.82 13.22
N ALA A 262 11.63 11.75 12.21
CA ALA A 262 11.89 12.84 11.28
C ALA A 262 10.68 13.24 10.45
N ASP A 263 9.81 12.25 10.13
CA ASP A 263 8.71 12.42 9.17
C ASP A 263 7.50 11.63 9.69
N PRO A 264 6.74 12.19 10.67
CA PRO A 264 5.82 11.41 11.49
C PRO A 264 4.37 11.30 10.98
N ILE A 265 4.05 11.99 9.88
CA ILE A 265 2.70 11.98 9.32
C ILE A 265 2.57 10.93 8.20
N GLY A 266 1.59 10.05 8.33
CA GLY A 266 1.28 9.07 7.30
C GLY A 266 -0.18 9.06 6.86
N LEU A 267 -0.46 8.34 5.75
CA LEU A 267 -1.81 8.11 5.22
C LEU A 267 -2.09 6.60 5.27
N ILE A 268 -3.30 6.21 5.71
CA ILE A 268 -3.70 4.80 5.72
C ILE A 268 -5.13 4.67 5.20
N LEU A 269 -5.44 3.53 4.56
CA LEU A 269 -6.78 3.31 4.02
C LEU A 269 -7.59 2.37 4.91
N LEU A 270 -8.92 2.58 4.86
CA LEU A 270 -9.93 1.59 5.23
C LEU A 270 -10.71 1.25 3.97
N GLY A 271 -10.64 -0.02 3.56
CA GLY A 271 -11.44 -0.50 2.45
C GLY A 271 -12.45 -1.55 2.92
N GLU A 272 -13.62 -1.57 2.28
CA GLU A 272 -14.53 -2.70 2.35
C GLU A 272 -13.98 -3.78 1.42
N VAL A 273 -13.69 -4.94 2.00
CA VAL A 273 -13.10 -6.04 1.27
C VAL A 273 -14.10 -7.18 1.27
N ALA A 274 -14.45 -7.67 0.07
CA ALA A 274 -15.51 -8.66 0.02
C ALA A 274 -14.84 -10.03 0.04
N LEU A 275 -14.77 -10.63 1.22
CA LEU A 275 -13.96 -11.79 1.50
C LEU A 275 -14.67 -13.14 1.27
N GLY A 276 -16.02 -13.21 1.44
CA GLY A 276 -16.76 -14.45 1.18
C GLY A 276 -16.24 -15.61 2.04
N ASN A 277 -16.01 -16.77 1.41
CA ASN A 277 -15.44 -17.94 2.07
C ASN A 277 -13.93 -17.89 2.00
N MET A 278 -13.31 -17.80 3.16
CA MET A 278 -11.89 -17.55 3.27
C MET A 278 -11.15 -18.88 3.29
N TYR A 279 -10.24 -19.03 2.31
CA TYR A 279 -9.28 -20.11 2.32
C TYR A 279 -8.24 -19.85 3.40
N GLU A 280 -8.39 -20.47 4.58
CA GLU A 280 -7.57 -20.12 5.74
C GLU A 280 -6.24 -20.89 5.68
N LEU A 281 -5.13 -20.27 6.13
CA LEU A 281 -3.78 -20.81 5.95
C LEU A 281 -2.87 -20.41 7.11
N LYS A 282 -1.76 -21.16 7.26
CA LYS A 282 -0.91 -21.09 8.44
C LYS A 282 0.51 -20.70 8.04
N ASN A 283 0.92 -21.07 6.82
CA ASN A 283 2.31 -21.03 6.43
C ASN A 283 2.42 -20.49 4.99
N ALA A 284 3.52 -19.82 4.67
CA ALA A 284 3.62 -19.28 3.33
C ALA A 284 3.15 -20.30 2.29
N SER A 285 2.39 -19.83 1.28
CA SER A 285 2.03 -20.69 0.16
C SER A 285 1.77 -19.88 -1.11
N HIS A 286 2.56 -20.15 -2.15
CA HIS A 286 2.48 -19.46 -3.43
C HIS A 286 1.15 -19.77 -4.11
N ILE A 287 0.15 -18.92 -3.84
CA ILE A 287 -1.20 -19.13 -4.34
C ILE A 287 -1.30 -18.68 -5.81
N THR A 288 -1.82 -19.59 -6.63
CA THR A 288 -1.86 -19.46 -8.08
C THR A 288 -3.31 -19.30 -8.54
N LYS A 289 -4.17 -20.29 -8.23
CA LYS A 289 -5.62 -20.22 -8.35
C LYS A 289 -6.24 -20.57 -7.00
N LEU A 290 -7.44 -20.04 -6.74
CA LEU A 290 -8.12 -20.30 -5.48
C LEU A 290 -8.95 -21.56 -5.67
N PRO A 291 -9.08 -22.44 -4.61
CA PRO A 291 -10.09 -23.50 -4.61
C PRO A 291 -11.49 -23.03 -5.02
N LYS A 292 -12.29 -23.98 -5.53
CA LYS A 292 -13.67 -23.75 -5.92
C LYS A 292 -14.47 -23.28 -4.71
N GLY A 293 -15.27 -22.23 -4.93
CA GLY A 293 -16.12 -21.65 -3.90
C GLY A 293 -15.34 -20.89 -2.83
N LYS A 294 -14.05 -20.57 -3.08
CA LYS A 294 -13.30 -19.70 -2.18
C LYS A 294 -13.19 -18.33 -2.81
N HIS A 295 -13.22 -17.27 -2.00
CA HIS A 295 -13.25 -15.94 -2.59
C HIS A 295 -12.02 -15.12 -2.21
N SER A 296 -11.20 -15.66 -1.30
CA SER A 296 -10.17 -14.89 -0.65
C SER A 296 -9.27 -15.82 0.15
N VAL A 297 -8.16 -15.28 0.64
CA VAL A 297 -7.28 -15.97 1.58
C VAL A 297 -7.15 -15.21 2.89
N LYS A 298 -7.20 -15.94 4.00
CA LYS A 298 -6.80 -15.39 5.28
C LYS A 298 -5.56 -16.13 5.78
N GLY A 299 -4.47 -15.39 6.01
CA GLY A 299 -3.39 -15.83 6.85
C GLY A 299 -3.75 -15.67 8.32
N LEU A 300 -3.83 -16.80 9.04
CA LEU A 300 -4.22 -16.80 10.44
C LEU A 300 -3.05 -16.40 11.31
N GLY A 301 -3.33 -15.63 12.35
CA GLY A 301 -2.29 -15.09 13.21
C GLY A 301 -2.51 -15.49 14.65
N LYS A 302 -1.51 -15.21 15.50
CA LYS A 302 -1.54 -15.68 16.87
C LYS A 302 -2.31 -14.70 17.73
N THR A 303 -2.62 -13.51 17.19
CA THR A 303 -3.40 -12.50 17.90
C THR A 303 -4.33 -11.79 16.91
N ALA A 304 -5.54 -11.44 17.35
CA ALA A 304 -6.52 -10.74 16.51
C ALA A 304 -7.55 -10.03 17.37
N PRO A 305 -8.23 -8.97 16.89
CA PRO A 305 -9.32 -8.37 17.64
C PRO A 305 -10.30 -9.39 18.24
N ASP A 306 -10.95 -8.99 19.32
CA ASP A 306 -11.87 -9.87 20.01
C ASP A 306 -13.18 -9.99 19.24
N PRO A 307 -13.51 -11.18 18.71
CA PRO A 307 -14.79 -11.36 18.01
C PRO A 307 -16.00 -10.77 18.70
N THR A 308 -15.92 -10.51 20.02
CA THR A 308 -17.05 -10.05 20.82
C THR A 308 -17.41 -8.61 20.49
N ALA A 309 -16.39 -7.76 20.32
CA ALA A 309 -16.58 -6.33 20.17
C ALA A 309 -16.95 -5.95 18.75
N THR A 310 -16.84 -6.90 17.81
CA THR A 310 -16.96 -6.64 16.37
C THR A 310 -18.32 -6.00 16.13
N THR A 311 -18.30 -4.94 15.33
CA THR A 311 -19.47 -4.12 15.08
C THR A 311 -19.73 -4.09 13.58
N THR A 312 -20.77 -3.35 13.20
CA THR A 312 -21.12 -3.17 11.81
C THR A 312 -21.16 -1.68 11.49
N LEU A 313 -20.60 -1.29 10.34
CA LEU A 313 -20.74 0.05 9.78
C LEU A 313 -21.31 -0.10 8.36
N ASP A 314 -22.56 0.35 8.16
CA ASP A 314 -23.22 0.27 6.86
C ASP A 314 -23.22 -1.18 6.37
N GLY A 315 -23.38 -2.13 7.29
CA GLY A 315 -23.56 -3.52 6.89
C GLY A 315 -22.23 -4.23 6.64
N VAL A 316 -21.12 -3.53 6.90
CA VAL A 316 -19.77 -4.03 6.78
C VAL A 316 -19.22 -4.34 8.18
N GLU A 317 -18.52 -5.45 8.33
CA GLU A 317 -18.09 -5.87 9.65
C GLU A 317 -16.88 -5.05 10.06
N VAL A 318 -16.86 -4.57 11.31
CA VAL A 318 -15.76 -3.75 11.77
C VAL A 318 -15.12 -4.44 12.96
N PRO A 319 -14.01 -5.16 12.77
CA PRO A 319 -13.43 -5.94 13.86
C PRO A 319 -12.61 -5.05 14.80
N LEU A 320 -13.28 -4.12 15.50
CA LEU A 320 -12.64 -3.07 16.30
C LEU A 320 -12.32 -3.46 17.75
N GLY A 321 -12.34 -4.75 18.06
CA GLY A 321 -12.08 -5.24 19.41
C GLY A 321 -10.58 -5.24 19.75
N ASN A 322 -10.27 -5.10 21.06
CA ASN A 322 -8.91 -5.15 21.57
C ASN A 322 -8.29 -6.49 21.20
N GLY A 323 -6.98 -6.50 20.91
CA GLY A 323 -6.33 -7.70 20.41
C GLY A 323 -6.14 -8.73 21.52
N ILE A 324 -6.70 -9.93 21.33
CA ILE A 324 -6.60 -11.01 22.31
C ILE A 324 -5.89 -12.17 21.64
N SER A 325 -5.49 -13.19 22.40
CA SER A 325 -4.85 -14.36 21.80
C SER A 325 -5.84 -15.16 20.96
N THR A 326 -5.28 -15.93 20.02
CA THR A 326 -6.05 -16.53 18.95
C THR A 326 -6.31 -18.01 19.21
N GLY A 327 -5.46 -18.63 20.02
CA GLY A 327 -5.53 -20.07 20.22
C GLY A 327 -4.65 -20.79 19.22
N ILE A 328 -4.83 -20.48 17.93
CA ILE A 328 -3.96 -20.97 16.88
C ILE A 328 -2.55 -20.44 17.18
N ASN A 329 -1.55 -21.32 17.08
CA ASN A 329 -0.17 -20.96 17.42
C ASN A 329 0.79 -21.71 16.51
N ASP A 330 0.27 -22.78 15.87
CA ASP A 330 0.98 -23.61 14.89
C ASP A 330 1.10 -22.87 13.56
N THR A 331 1.27 -21.55 13.65
CA THR A 331 1.25 -20.63 12.52
C THR A 331 2.48 -19.71 12.57
N CYS A 332 3.02 -19.39 11.37
CA CYS A 332 4.14 -18.48 11.21
C CYS A 332 3.78 -17.08 11.74
N LEU A 333 2.65 -16.54 11.29
CA LEU A 333 2.24 -15.15 11.46
C LEU A 333 1.97 -14.80 12.91
N LEU A 334 2.31 -13.56 13.27
CA LEU A 334 1.93 -13.03 14.56
C LEU A 334 0.48 -12.51 14.52
N TYR A 335 0.08 -11.89 13.40
CA TYR A 335 -1.22 -11.24 13.30
C TYR A 335 -1.91 -11.62 11.99
N ASN A 336 -3.25 -11.54 11.97
CA ASN A 336 -3.97 -11.88 10.76
C ASN A 336 -3.47 -11.01 9.61
N GLU A 337 -3.58 -11.56 8.38
CA GLU A 337 -3.77 -10.70 7.22
C GLU A 337 -4.76 -11.34 6.24
N TYR A 338 -5.31 -10.52 5.32
CA TYR A 338 -6.33 -10.95 4.38
C TYR A 338 -5.93 -10.55 2.95
N ILE A 339 -6.14 -11.47 1.99
CA ILE A 339 -5.66 -11.28 0.62
C ILE A 339 -6.77 -11.58 -0.38
N VAL A 340 -7.03 -10.64 -1.30
CA VAL A 340 -7.97 -10.88 -2.39
C VAL A 340 -7.21 -10.83 -3.72
N TYR A 341 -7.80 -11.40 -4.80
CA TYR A 341 -7.01 -11.68 -6.01
C TYR A 341 -7.64 -11.02 -7.23
N ASP A 342 -8.75 -10.30 -7.02
CA ASP A 342 -9.38 -9.54 -8.07
C ASP A 342 -9.50 -8.12 -7.53
N VAL A 343 -9.03 -7.11 -8.29
CA VAL A 343 -9.06 -5.72 -7.83
C VAL A 343 -10.51 -5.29 -7.54
N ALA A 344 -11.48 -5.97 -8.18
CA ALA A 344 -12.88 -5.56 -8.12
C ALA A 344 -13.50 -5.82 -6.73
N GLN A 345 -12.84 -6.65 -5.91
CA GLN A 345 -13.30 -7.07 -4.60
C GLN A 345 -12.98 -6.07 -3.48
N VAL A 346 -12.53 -4.85 -3.82
CA VAL A 346 -12.15 -3.85 -2.83
C VAL A 346 -12.89 -2.57 -3.19
N ASN A 347 -13.56 -1.97 -2.21
CA ASN A 347 -14.13 -0.61 -2.33
C ASN A 347 -13.53 0.27 -1.24
N LEU A 348 -12.70 1.25 -1.61
CA LEU A 348 -12.06 2.10 -0.60
C LEU A 348 -13.12 3.01 0.01
N LYS A 349 -13.15 3.14 1.34
CA LYS A 349 -14.18 3.86 2.07
C LYS A 349 -13.62 5.09 2.77
N TYR A 350 -12.47 4.95 3.44
CA TYR A 350 -11.88 6.09 4.16
C TYR A 350 -10.37 6.15 3.94
N LEU A 351 -9.86 7.39 4.00
CA LEU A 351 -8.43 7.69 4.08
C LEU A 351 -8.17 8.46 5.38
N LEU A 352 -7.27 7.97 6.26
CA LEU A 352 -6.98 8.66 7.50
C LEU A 352 -5.59 9.29 7.44
N LYS A 353 -5.47 10.54 7.92
CA LYS A 353 -4.18 11.15 8.17
C LYS A 353 -3.77 10.83 9.61
N LEU A 354 -2.61 10.19 9.77
CA LEU A 354 -2.20 9.67 11.06
C LEU A 354 -0.92 10.40 11.50
N LYS A 355 -0.83 10.58 12.84
CA LYS A 355 0.33 11.11 13.52
C LYS A 355 0.97 10.01 14.40
N PHE A 356 2.18 9.61 14.02
CA PHE A 356 2.91 8.56 14.72
C PHE A 356 3.75 9.25 15.79
N ASN A 357 3.43 9.02 17.07
CA ASN A 357 4.20 9.54 18.20
C ASN A 357 5.18 8.47 18.69
N TYR A 358 6.46 8.66 18.38
CA TYR A 358 7.51 7.70 18.65
C TYR A 358 8.05 7.85 20.08
#